data_1ZYH
#
_entry.id   1ZYH
#
_cell.length_a   1.000
_cell.length_b   1.000
_cell.length_c   1.000
_cell.angle_alpha   90.00
_cell.angle_beta   90.00
_cell.angle_gamma   90.00
#
_symmetry.space_group_name_H-M   'P 1'
#
loop_
_entity.id
_entity.type
_entity.pdbx_description
1 polymer "5'-D(*CP*AP*AP*CP*CP*AP*GP*GP*GP*TP*TP*G)-3'"
2 polymer "5'-D(*CP*AP*AP*CP*CP*CP*TP*GP*GP*TP*TP*G)-3'"
#
loop_
_entity_poly.entity_id
_entity_poly.type
_entity_poly.pdbx_seq_one_letter_code
_entity_poly.pdbx_strand_id
1 'polydeoxyribonucleotide' (DC)(DA)(DA)(DC)(DC)(DA)(DG)(DG)(DG)(DT)(DT)(DG) A
2 'polydeoxyribonucleotide' (DC)(DA)(DA)(DC)(DC)(DC)(DT)(DG)(DG)(DT)(DT)(DG) B
#
loop_
_chem_comp.id
_chem_comp.type
_chem_comp.name
_chem_comp.formula
DA DNA linking 2'-DEOXYADENOSINE-5'-MONOPHOSPHATE 'C10 H14 N5 O6 P'
DC DNA linking 2'-DEOXYCYTIDINE-5'-MONOPHOSPHATE 'C9 H14 N3 O7 P'
DG DNA linking 2'-DEOXYGUANOSINE-5'-MONOPHOSPHATE 'C10 H14 N5 O7 P'
DT DNA linking THYMIDINE-5'-MONOPHOSPHATE 'C10 H15 N2 O8 P'
#